data_4Q26
#
_entry.id   4Q26
#
_cell.length_a   66.384
_cell.length_b   85.517
_cell.length_c   116.076
_cell.angle_alpha   90.00
_cell.angle_beta   90.00
_cell.angle_gamma   90.00
#
_symmetry.space_group_name_H-M   'P 21 21 2'
#
loop_
_entity.id
_entity.type
_entity.pdbx_description
1 polymer Galectin-1
2 branched beta-D-galactopyranose-(1-4)-2-acetamido-2-deoxy-alpha-D-glucopyranose
3 non-polymer GLYCEROL
4 water water
#
_entity_poly.entity_id   1
_entity_poly.type   'polypeptide(L)'
_entity_poly.pdbx_seq_one_letter_code
;GMACGLVASNLNLKPGE(CME)LRVRGEVAPDAKSFVLNLGKDSNNLCLHFNPRFNAHGDANTIVCNSKDGGAWGTEQRE
AVFPFQPGSVAEV(CME)ITFDQANLTVKLPDGYEFKFPNRLNLEAINYMAADGDFKIK(CME)VAFD
;
_entity_poly.pdbx_strand_id   A,B,G,H
#
# COMPACT_ATOMS: atom_id res chain seq x y z
N CYS A 4 -4.05 15.56 -3.52
CA CYS A 4 -2.65 15.16 -3.40
C CYS A 4 -1.70 16.02 -4.24
N GLY A 5 -0.48 16.07 -3.73
CA GLY A 5 0.59 16.74 -4.42
C GLY A 5 1.40 15.77 -5.24
N LEU A 6 2.59 16.21 -5.55
N LEU A 6 2.59 16.21 -5.59
CA LEU A 6 3.48 15.42 -6.39
CA LEU A 6 3.51 15.39 -6.36
C LEU A 6 3.87 14.05 -5.77
C LEU A 6 3.76 14.00 -5.73
N VAL A 7 3.77 12.99 -6.59
CA VAL A 7 4.14 11.66 -6.18
C VAL A 7 5.22 11.17 -7.14
N ALA A 8 6.31 10.65 -6.59
CA ALA A 8 7.42 10.15 -7.41
C ALA A 8 7.73 8.75 -6.96
N SER A 9 8.07 7.90 -7.92
CA SER A 9 8.43 6.54 -7.65
C SER A 9 9.64 6.14 -8.49
N ASN A 10 10.25 5.03 -8.15
CA ASN A 10 11.58 4.64 -8.68
C ASN A 10 12.65 5.69 -8.41
N LEU A 11 12.64 6.30 -7.24
CA LEU A 11 13.65 7.31 -6.91
C LEU A 11 15.07 6.80 -6.82
N ASN A 12 15.18 5.56 -6.37
CA ASN A 12 16.45 4.89 -6.15
C ASN A 12 17.48 5.69 -5.38
N LEU A 13 17.02 6.36 -4.30
CA LEU A 13 17.88 7.13 -3.42
C LEU A 13 18.61 6.12 -2.50
N LYS A 14 19.93 6.26 -2.46
CA LYS A 14 20.82 5.33 -1.77
C LYS A 14 21.44 5.99 -0.54
N PRO A 15 21.90 5.17 0.40
CA PRO A 15 22.50 5.73 1.61
C PRO A 15 23.61 6.70 1.27
N GLY A 16 23.65 7.80 2.03
CA GLY A 16 24.62 8.86 1.83
C GLY A 16 24.19 9.96 0.89
N GLU A 17 23.27 9.67 -0.04
CA GLU A 17 22.79 10.67 -1.01
C GLU A 17 21.84 11.65 -0.34
N LEU A 19 18.64 14.08 -0.47
CA LEU A 19 17.43 14.52 -1.14
C LEU A 19 16.99 15.90 -0.65
N ARG A 20 16.89 16.89 -1.52
CA ARG A 20 16.53 18.26 -1.18
C ARG A 20 15.19 18.52 -1.82
N VAL A 21 14.20 18.83 -1.01
CA VAL A 21 12.86 19.09 -1.47
C VAL A 21 12.44 20.49 -1.02
N ARG A 22 11.98 21.30 -1.96
CA ARG A 22 11.57 22.67 -1.68
C ARG A 22 10.18 22.91 -2.32
N GLY A 23 9.26 23.54 -1.60
CA GLY A 23 7.93 23.74 -2.12
C GLY A 23 7.25 24.88 -1.39
N GLU A 24 6.04 25.18 -1.82
CA GLU A 24 5.20 26.20 -1.23
C GLU A 24 4.13 25.63 -0.35
N VAL A 25 4.09 26.09 0.91
CA VAL A 25 3.03 25.69 1.82
C VAL A 25 1.81 26.54 1.57
N ALA A 26 0.64 25.88 1.43
CA ALA A 26 -0.62 26.58 1.13
C ALA A 26 -0.93 27.64 2.22
N PRO A 27 -1.48 28.80 1.81
CA PRO A 27 -1.78 29.79 2.84
C PRO A 27 -2.76 29.38 3.94
N ASP A 28 -3.70 28.49 3.63
CA ASP A 28 -4.71 28.08 4.62
C ASP A 28 -4.36 26.72 5.27
N ALA A 29 -3.11 26.29 5.12
CA ALA A 29 -2.71 24.97 5.58
C ALA A 29 -2.79 24.79 7.09
N LYS A 30 -3.38 23.68 7.54
CA LYS A 30 -3.31 23.29 8.94
C LYS A 30 -2.07 22.44 9.25
N SER A 31 -1.52 21.85 8.18
CA SER A 31 -0.31 21.06 8.24
C SER A 31 0.13 20.79 6.82
N PHE A 32 1.27 20.17 6.66
CA PHE A 32 1.67 19.65 5.38
C PHE A 32 2.46 18.38 5.65
N VAL A 33 2.53 17.56 4.58
CA VAL A 33 3.15 16.27 4.66
C VAL A 33 4.12 16.03 3.48
N LEU A 34 5.29 15.49 3.81
CA LEU A 34 6.16 14.83 2.85
C LEU A 34 6.42 13.41 3.34
N ASN A 35 6.08 12.42 2.51
CA ASN A 35 6.24 11.00 2.83
C ASN A 35 7.37 10.43 1.99
N LEU A 36 8.24 9.63 2.61
CA LEU A 36 9.33 8.93 1.96
C LEU A 36 9.32 7.43 2.32
N GLY A 37 9.58 6.53 1.35
CA GLY A 37 9.73 5.15 1.75
C GLY A 37 9.78 4.26 0.53
N LYS A 38 9.11 3.15 0.64
CA LYS A 38 9.07 2.20 -0.46
C LYS A 38 7.80 2.34 -1.29
N ASP A 39 6.70 2.65 -0.61
CA ASP A 39 5.39 2.83 -1.25
C ASP A 39 4.46 3.40 -0.19
N SER A 40 3.22 3.68 -0.57
CA SER A 40 2.34 4.42 0.32
C SER A 40 1.99 3.68 1.64
N ASN A 41 2.24 2.37 1.70
CA ASN A 41 2.03 1.62 2.95
C ASN A 41 3.26 1.42 3.81
N ASN A 42 4.39 1.86 3.27
CA ASN A 42 5.69 1.49 3.80
C ASN A 42 6.56 2.76 3.71
N LEU A 43 6.45 3.51 4.78
CA LEU A 43 7.12 4.81 4.90
C LEU A 43 8.24 4.76 5.93
N CYS A 44 9.46 5.13 5.52
CA CYS A 44 10.52 5.31 6.51
C CYS A 44 10.42 6.67 7.15
N LEU A 45 9.79 7.61 6.47
CA LEU A 45 9.58 8.92 7.07
C LEU A 45 8.29 9.59 6.58
N HIS A 46 7.35 9.75 7.49
CA HIS A 46 6.21 10.62 7.36
C HIS A 46 6.63 11.88 8.06
N PHE A 47 6.83 12.94 7.33
CA PHE A 47 7.32 14.21 7.88
C PHE A 47 6.14 15.18 7.87
N ASN A 48 5.59 15.54 9.06
CA ASN A 48 4.33 16.24 9.10
C ASN A 48 4.41 17.46 10.01
N PRO A 49 4.86 18.58 9.46
CA PRO A 49 4.75 19.81 10.25
C PRO A 49 3.28 20.22 10.42
N ARG A 50 2.87 20.42 11.68
CA ARG A 50 1.51 20.76 11.98
C ARG A 50 1.49 22.21 12.53
N PHE A 51 0.72 23.05 11.84
CA PHE A 51 0.48 24.41 12.28
C PHE A 51 -0.58 24.39 13.39
N ASN A 52 -1.66 23.68 13.11
CA ASN A 52 -2.71 23.42 14.09
C ASN A 52 -3.51 22.27 13.55
N ALA A 53 -3.13 21.07 13.98
CA ALA A 53 -3.76 19.86 13.50
C ALA A 53 -3.58 18.71 14.47
N HIS A 54 -4.65 17.93 14.61
CA HIS A 54 -4.63 16.69 15.41
C HIS A 54 -4.11 16.92 16.85
N GLY A 55 -4.38 18.12 17.38
CA GLY A 55 -3.97 18.42 18.73
C GLY A 55 -2.64 19.12 18.90
N ASP A 56 -1.91 19.29 17.81
CA ASP A 56 -0.56 19.93 17.82
C ASP A 56 -0.58 21.32 17.20
N ALA A 57 0.07 22.28 17.86
CA ALA A 57 0.26 23.62 17.31
C ALA A 57 1.75 23.82 17.07
N ASN A 58 2.10 24.26 15.86
CA ASN A 58 3.48 24.50 15.51
C ASN A 58 4.44 23.42 16.05
N THR A 59 4.18 22.18 15.65
CA THR A 59 5.03 21.06 16.01
C THR A 59 5.24 20.18 14.78
N ILE A 60 6.48 19.73 14.61
CA ILE A 60 6.78 18.70 13.56
C ILE A 60 6.56 17.33 14.16
N VAL A 61 5.70 16.54 13.52
CA VAL A 61 5.47 15.16 13.90
C VAL A 61 6.08 14.27 12.82
N CYS A 62 6.90 13.30 13.24
CA CYS A 62 7.42 12.31 12.32
C CYS A 62 7.02 10.93 12.75
N ASN A 63 6.80 10.05 11.75
CA ASN A 63 6.48 8.66 12.05
C ASN A 63 6.95 7.77 10.89
N SER A 64 6.90 6.46 11.17
CA SER A 64 7.05 5.44 10.15
C SER A 64 5.71 4.80 9.92
N LYS A 65 5.65 4.05 8.82
CA LYS A 65 4.48 3.23 8.53
C LYS A 65 4.95 1.94 7.92
N ASP A 66 4.45 0.81 8.42
CA ASP A 66 4.99 -0.48 7.98
C ASP A 66 3.78 -1.38 7.72
N GLY A 67 3.65 -1.84 6.47
CA GLY A 67 2.51 -2.67 6.13
C GLY A 67 1.22 -1.93 6.37
N GLY A 68 1.22 -0.60 6.28
CA GLY A 68 0.01 0.20 6.46
C GLY A 68 -0.27 0.69 7.92
N ALA A 69 0.55 0.22 8.86
CA ALA A 69 0.40 0.55 10.28
C ALA A 69 1.40 1.62 10.75
N TRP A 70 0.88 2.67 11.38
CA TRP A 70 1.70 3.71 11.92
C TRP A 70 2.53 3.21 13.06
N GLY A 71 3.76 3.67 13.13
CA GLY A 71 4.59 3.43 14.29
C GLY A 71 4.43 4.42 15.44
N THR A 72 5.47 4.52 16.24
CA THR A 72 5.48 5.53 17.31
C THR A 72 6.01 6.87 16.87
N GLU A 73 5.20 7.90 17.07
CA GLU A 73 5.58 9.24 16.68
C GLU A 73 6.78 9.78 17.40
N GLN A 74 7.48 10.68 16.74
N GLN A 74 7.48 10.67 16.74
CA GLN A 74 8.53 11.50 17.34
CA GLN A 74 8.47 11.50 17.39
C GLN A 74 8.16 12.95 17.06
C GLN A 74 8.21 12.95 17.05
N ARG A 75 8.41 13.83 18.02
CA ARG A 75 8.13 15.25 17.86
C ARG A 75 9.38 16.07 18.02
N GLU A 76 9.50 17.12 17.23
CA GLU A 76 10.70 17.95 17.31
C GLU A 76 10.49 19.23 18.14
N ALA A 77 11.57 19.93 18.37
CA ALA A 77 11.58 21.05 19.29
C ALA A 77 11.56 22.44 18.63
N VAL A 78 11.73 22.45 17.32
CA VAL A 78 11.78 23.73 16.56
C VAL A 78 10.72 23.66 15.46
N PHE A 79 10.33 24.82 14.94
CA PHE A 79 9.28 24.88 13.95
C PHE A 79 9.51 26.00 12.92
N PRO A 80 10.47 25.77 12.02
CA PRO A 80 10.90 26.81 11.06
C PRO A 80 10.06 26.79 9.77
N PHE A 81 8.74 26.80 9.93
CA PHE A 81 7.79 26.77 8.83
C PHE A 81 6.64 27.73 9.08
N GLN A 82 6.07 28.26 8.00
CA GLN A 82 4.92 29.15 8.06
C GLN A 82 3.96 28.83 6.92
N PRO A 83 2.62 28.88 7.18
CA PRO A 83 1.74 28.78 6.01
C PRO A 83 1.97 29.92 5.03
N GLY A 84 1.78 29.62 3.73
CA GLY A 84 1.90 30.65 2.72
C GLY A 84 3.34 31.00 2.38
N SER A 85 4.28 30.17 2.79
CA SER A 85 5.68 30.45 2.48
C SER A 85 6.40 29.21 1.91
N VAL A 86 7.60 29.43 1.40
CA VAL A 86 8.44 28.37 0.96
C VAL A 86 8.98 27.55 2.13
N ALA A 87 8.89 26.22 1.97
CA ALA A 87 9.40 25.27 2.94
C ALA A 87 10.40 24.38 2.23
N GLU A 88 11.49 24.01 2.85
CA GLU A 88 12.50 23.18 2.24
C GLU A 88 12.98 22.21 3.27
N VAL A 89 13.36 21.02 2.93
N VAL A 89 13.40 21.02 2.85
CA VAL A 89 13.89 20.00 3.83
CA VAL A 89 13.99 20.04 3.77
C VAL A 89 15.00 19.30 3.09
C VAL A 89 14.95 19.13 3.08
N ILE A 91 17.15 15.62 3.30
CA ILE A 91 17.14 14.31 3.94
C ILE A 91 18.22 13.39 3.41
N THR A 92 18.89 12.73 4.34
N THR A 92 18.95 12.77 4.32
CA THR A 92 19.84 11.68 4.00
CA THR A 92 19.84 11.68 3.98
C THR A 92 19.58 10.50 4.91
C THR A 92 19.47 10.46 4.84
N PHE A 93 20.06 9.32 4.54
CA PHE A 93 19.80 8.14 5.36
C PHE A 93 20.90 7.12 5.24
N ASP A 94 20.89 6.23 6.21
CA ASP A 94 21.58 4.94 6.12
C ASP A 94 20.60 3.90 6.63
N GLN A 95 21.03 2.66 6.71
CA GLN A 95 20.06 1.63 7.06
C GLN A 95 19.56 1.66 8.50
N ALA A 96 20.21 2.45 9.34
CA ALA A 96 19.82 2.58 10.76
C ALA A 96 18.99 3.83 11.07
N ASN A 97 19.32 4.95 10.42
CA ASN A 97 18.69 6.24 10.69
C ASN A 97 18.58 7.11 9.48
N LEU A 98 17.52 7.91 9.45
CA LEU A 98 17.47 9.10 8.60
C LEU A 98 17.92 10.33 9.39
N THR A 99 18.53 11.26 8.67
CA THR A 99 18.92 12.55 9.19
C THR A 99 18.20 13.59 8.35
N VAL A 100 17.42 14.42 9.06
CA VAL A 100 16.61 15.46 8.46
C VAL A 100 17.22 16.80 8.82
N LYS A 101 17.44 17.63 7.81
CA LYS A 101 17.96 18.98 8.04
C LYS A 101 16.87 20.00 7.64
N LEU A 102 16.65 20.92 8.55
N LEU A 102 16.55 20.86 8.60
CA LEU A 102 15.61 21.89 8.34
CA LEU A 102 15.49 21.88 8.45
C LEU A 102 16.17 23.24 7.95
C LEU A 102 16.14 23.18 7.94
N PRO A 103 15.32 24.15 7.50
CA PRO A 103 15.82 25.41 6.92
C PRO A 103 16.47 26.38 7.88
N ASP A 104 16.35 26.13 9.17
CA ASP A 104 17.06 26.87 10.21
C ASP A 104 18.43 26.22 10.55
N GLY A 105 18.80 25.18 9.79
CA GLY A 105 20.05 24.44 9.98
C GLY A 105 19.93 23.31 11.02
N TYR A 106 18.80 23.21 11.70
CA TYR A 106 18.59 22.18 12.73
C TYR A 106 18.49 20.81 12.09
N GLU A 107 19.25 19.89 12.65
CA GLU A 107 19.27 18.52 12.19
C GLU A 107 18.79 17.58 13.27
N PHE A 108 18.04 16.55 12.85
CA PHE A 108 17.64 15.51 13.78
C PHE A 108 17.63 14.16 13.12
N LYS A 109 17.69 13.12 13.94
CA LYS A 109 17.64 11.78 13.46
C LYS A 109 16.27 11.17 13.72
N PHE A 110 15.88 10.30 12.79
CA PHE A 110 14.70 9.46 12.92
C PHE A 110 15.10 8.04 12.54
N PRO A 111 14.76 7.05 13.38
CA PRO A 111 15.19 5.67 13.09
C PRO A 111 14.59 5.12 11.81
N ASN A 112 15.40 4.38 11.08
CA ASN A 112 14.96 3.67 9.89
C ASN A 112 14.37 2.33 10.28
N ARG A 113 13.12 2.36 10.67
CA ARG A 113 12.50 1.17 11.26
C ARG A 113 12.22 0.05 10.26
N LEU A 114 12.15 0.40 8.98
CA LEU A 114 11.92 -0.59 7.92
C LEU A 114 13.25 -1.16 7.39
N ASN A 115 14.36 -0.60 7.88
CA ASN A 115 15.72 -0.94 7.45
C ASN A 115 15.82 -0.92 5.95
N LEU A 116 15.30 0.18 5.39
CA LEU A 116 15.34 0.39 3.93
C LEU A 116 16.78 0.62 3.51
N GLU A 117 17.14 -0.05 2.42
CA GLU A 117 18.44 0.12 1.80
C GLU A 117 18.39 1.14 0.64
N ALA A 118 17.18 1.51 0.26
CA ALA A 118 16.95 2.48 -0.80
C ALA A 118 15.60 3.09 -0.53
N ILE A 119 15.45 4.36 -0.89
CA ILE A 119 14.17 5.03 -0.82
C ILE A 119 13.67 5.20 -2.24
N ASN A 120 12.52 4.60 -2.50
CA ASN A 120 11.99 4.61 -3.84
C ASN A 120 10.75 5.40 -4.06
N TYR A 121 10.15 5.96 -3.03
CA TYR A 121 8.84 6.59 -3.12
C TYR A 121 8.91 7.90 -2.33
N MET A 122 8.36 8.96 -2.92
CA MET A 122 8.16 10.25 -2.27
C MET A 122 6.79 10.79 -2.62
N ALA A 123 6.06 11.33 -1.65
CA ALA A 123 4.75 11.92 -1.91
C ALA A 123 4.55 13.13 -1.06
N ALA A 124 4.12 14.23 -1.66
CA ALA A 124 3.68 15.44 -0.96
C ALA A 124 2.17 15.49 -0.90
N ASP A 125 1.62 16.03 0.18
CA ASP A 125 0.19 16.28 0.20
C ASP A 125 -0.22 17.57 -0.52
N GLY A 126 -1.54 17.83 -0.55
CA GLY A 126 -2.10 18.95 -1.26
C GLY A 126 -1.78 20.30 -0.65
N ASP A 127 -1.14 20.32 0.53
CA ASP A 127 -0.76 21.58 1.18
C ASP A 127 0.70 21.93 0.95
N PHE A 128 1.40 21.10 0.21
CA PHE A 128 2.84 21.30 -0.11
C PHE A 128 3.01 21.14 -1.62
N LYS A 129 3.15 22.29 -2.29
CA LYS A 129 3.37 22.35 -3.74
C LYS A 129 4.85 22.35 -4.07
N ILE A 130 5.34 21.21 -4.57
CA ILE A 130 6.75 21.03 -4.85
C ILE A 130 7.18 21.97 -5.95
N LYS A 131 8.30 22.67 -5.71
CA LYS A 131 8.88 23.57 -6.71
C LYS A 131 10.26 23.05 -7.23
N VAL A 133 13.00 19.46 -6.65
N VAL A 133 12.89 19.41 -6.66
CA VAL A 133 13.48 18.26 -6.00
CA VAL A 133 13.43 18.23 -5.99
C VAL A 133 14.80 17.90 -6.58
C VAL A 133 14.78 17.90 -6.59
N ALA A 134 15.80 17.68 -5.77
CA ALA A 134 17.13 17.32 -6.20
C ALA A 134 17.69 16.15 -5.44
N PHE A 135 18.17 15.19 -6.21
CA PHE A 135 18.43 13.82 -5.76
C PHE A 135 19.89 13.90 -5.97
N ASP A 136 20.61 14.50 -5.04
CA ASP A 136 21.87 15.05 -5.50
C ASP A 136 22.00 15.72 -6.90
N CYS B 4 12.41 2.26 -16.12
CA CYS B 4 13.06 1.87 -14.87
C CYS B 4 13.63 3.13 -14.25
N GLY B 5 13.39 4.28 -14.88
CA GLY B 5 13.79 5.52 -14.22
C GLY B 5 12.67 6.14 -13.41
N LEU B 6 12.90 7.36 -12.97
N LEU B 6 12.89 7.36 -12.98
CA LEU B 6 11.92 8.11 -12.17
CA LEU B 6 11.95 8.07 -12.13
C LEU B 6 10.58 8.15 -12.88
C LEU B 6 10.60 8.27 -12.84
N VAL B 7 9.52 7.98 -12.13
CA VAL B 7 8.19 8.23 -12.57
C VAL B 7 7.52 9.22 -11.66
N ALA B 8 6.93 10.26 -12.15
CA ALA B 8 6.24 11.21 -11.29
C ALA B 8 4.81 11.44 -11.75
N SER B 9 3.91 11.63 -10.79
N SER B 9 3.89 11.56 -10.80
CA SER B 9 2.51 11.86 -11.11
CA SER B 9 2.52 11.89 -11.14
C SER B 9 1.96 13.02 -10.29
C SER B 9 1.98 13.02 -10.32
N ASN B 10 0.78 13.45 -10.67
CA ASN B 10 0.16 14.70 -10.16
C ASN B 10 1.04 15.91 -10.40
N LEU B 11 1.66 15.98 -11.57
N LEU B 11 1.70 15.98 -11.54
CA LEU B 11 2.54 17.10 -11.88
CA LEU B 11 2.54 17.14 -11.75
C LEU B 11 1.80 18.43 -11.91
C LEU B 11 1.75 18.44 -11.80
N ASN B 12 0.56 18.39 -12.38
CA ASN B 12 -0.28 19.58 -12.52
C ASN B 12 0.40 20.78 -13.22
N LEU B 13 1.15 20.48 -14.27
CA LEU B 13 1.84 21.47 -15.05
C LEU B 13 0.83 22.10 -16.00
N LYS B 14 0.60 23.38 -15.87
CA LYS B 14 -0.42 24.06 -16.66
C LYS B 14 0.19 24.86 -17.81
N PRO B 15 -0.66 25.29 -18.77
CA PRO B 15 -0.09 26.06 -19.87
C PRO B 15 0.69 27.26 -19.41
N GLY B 16 1.86 27.44 -19.98
CA GLY B 16 2.70 28.59 -19.69
C GLY B 16 3.70 28.34 -18.57
N GLU B 17 3.51 27.24 -17.85
CA GLU B 17 4.50 26.78 -16.86
C GLU B 17 5.67 26.03 -17.49
N LEU B 19 8.73 23.20 -17.00
CA LEU B 19 9.31 22.07 -16.33
C LEU B 19 10.78 21.93 -16.74
N ARG B 20 11.69 21.89 -15.76
CA ARG B 20 13.10 21.71 -16.05
C ARG B 20 13.53 20.35 -15.49
N VAL B 21 14.17 19.52 -16.31
CA VAL B 21 14.61 18.21 -15.88
C VAL B 21 16.07 18.07 -16.24
N ARG B 22 16.87 17.73 -15.23
CA ARG B 22 18.30 17.49 -15.37
C ARG B 22 18.59 16.08 -14.95
N GLY B 23 19.36 15.37 -15.79
CA GLY B 23 19.75 14.02 -15.48
C GLY B 23 21.06 13.58 -16.09
N GLU B 24 21.54 12.45 -15.60
CA GLU B 24 22.77 11.85 -16.12
C GLU B 24 22.40 10.82 -17.17
N VAL B 25 22.94 11.01 -18.37
CA VAL B 25 22.79 10.03 -19.46
C VAL B 25 23.79 8.89 -19.21
N ALA B 26 23.32 7.65 -19.21
CA ALA B 26 24.18 6.49 -18.90
C ALA B 26 25.37 6.37 -19.84
N PRO B 27 26.55 5.95 -19.35
CA PRO B 27 27.78 5.97 -20.17
C PRO B 27 27.70 5.17 -21.43
N ASP B 28 26.88 4.13 -21.35
CA ASP B 28 26.73 3.20 -22.46
C ASP B 28 25.42 3.37 -23.26
N ALA B 29 24.63 4.42 -22.97
CA ALA B 29 23.32 4.54 -23.53
C ALA B 29 23.33 4.56 -25.06
N LYS B 30 22.38 3.83 -25.61
CA LYS B 30 22.10 3.90 -27.04
C LYS B 30 21.04 4.95 -27.37
N SER B 31 20.27 5.32 -26.36
CA SER B 31 19.27 6.34 -26.44
C SER B 31 18.86 6.63 -25.01
N PHE B 32 18.06 7.66 -24.83
CA PHE B 32 17.34 7.83 -23.57
C PHE B 32 15.97 8.43 -23.82
N VAL B 33 15.10 8.38 -22.82
CA VAL B 33 13.72 8.77 -22.96
C VAL B 33 13.26 9.59 -21.76
N LEU B 34 12.57 10.68 -22.09
CA LEU B 34 11.73 11.42 -21.14
C LEU B 34 10.32 11.48 -21.73
N ASN B 35 9.36 10.93 -21.03
CA ASN B 35 7.97 10.95 -21.45
C ASN B 35 7.15 11.90 -20.57
N LEU B 36 6.22 12.61 -21.17
N LEU B 36 6.28 12.69 -21.20
CA LEU B 36 5.34 13.56 -20.50
CA LEU B 36 5.33 13.57 -20.50
C LEU B 36 3.93 13.37 -21.01
C LEU B 36 3.94 13.26 -21.01
N GLY B 37 2.94 13.39 -20.15
CA GLY B 37 1.58 13.35 -20.62
C GLY B 37 0.54 13.27 -19.52
N LYS B 38 -0.55 12.61 -19.82
CA LYS B 38 -1.60 12.34 -18.85
C LYS B 38 -1.28 11.11 -18.00
N ASP B 39 -0.76 10.09 -18.66
CA ASP B 39 -0.45 8.83 -18.06
C ASP B 39 0.42 8.06 -19.01
N SER B 40 0.77 6.81 -18.66
CA SER B 40 1.75 6.07 -19.46
C SER B 40 1.28 5.71 -20.88
N ASN B 41 -0.04 5.72 -21.09
CA ASN B 41 -0.58 5.41 -22.39
C ASN B 41 -1.01 6.58 -23.21
N ASN B 42 -0.87 7.79 -22.65
CA ASN B 42 -1.31 9.01 -23.30
C ASN B 42 -0.24 10.05 -23.08
N LEU B 43 0.65 10.11 -24.04
CA LEU B 43 1.80 10.98 -23.95
C LEU B 43 1.69 12.15 -24.92
N CYS B 44 1.81 13.38 -24.38
CA CYS B 44 1.93 14.54 -25.26
C CYS B 44 3.33 14.68 -25.83
N LEU B 45 4.32 14.14 -25.13
CA LEU B 45 5.69 14.15 -25.64
C LEU B 45 6.49 12.96 -25.18
N HIS B 46 6.90 12.13 -26.12
CA HIS B 46 7.94 11.13 -25.98
C HIS B 46 9.17 11.76 -26.58
N PHE B 47 10.10 12.15 -25.71
CA PHE B 47 11.35 12.81 -26.11
C PHE B 47 12.49 11.77 -26.07
N ASN B 48 12.99 11.37 -27.26
CA ASN B 48 13.84 10.21 -27.35
C ASN B 48 15.11 10.56 -28.16
N PRO B 49 16.09 11.20 -27.54
CA PRO B 49 17.41 11.31 -28.16
C PRO B 49 18.05 9.91 -28.40
N ARG B 50 18.42 9.63 -29.65
CA ARG B 50 18.96 8.33 -30.02
C ARG B 50 20.40 8.52 -30.46
N PHE B 51 21.31 7.86 -29.76
CA PHE B 51 22.70 7.84 -30.16
C PHE B 51 22.89 6.84 -31.30
N ASN B 52 22.43 5.62 -31.08
CA ASN B 52 22.42 4.56 -32.10
C ASN B 52 21.28 3.59 -31.73
N ALA B 53 20.08 3.86 -32.25
CA ALA B 53 18.90 3.08 -31.90
C ALA B 53 17.80 3.21 -32.92
N HIS B 54 17.16 2.06 -33.18
CA HIS B 54 15.97 2.00 -34.02
C HIS B 54 16.18 2.56 -35.40
N GLY B 55 17.42 2.46 -35.86
CA GLY B 55 17.76 2.91 -37.20
C GLY B 55 18.36 4.32 -37.19
N ASP B 56 18.31 5.05 -36.08
CA ASP B 56 18.76 6.44 -36.09
C ASP B 56 20.13 6.58 -35.46
N ALA B 57 20.84 7.61 -35.87
CA ALA B 57 22.13 7.93 -35.26
C ALA B 57 22.15 9.40 -34.91
N ASN B 58 22.51 9.68 -33.63
CA ASN B 58 22.58 11.06 -33.13
C ASN B 58 21.46 11.95 -33.63
N THR B 59 20.25 11.48 -33.34
CA THR B 59 19.05 12.18 -33.73
C THR B 59 18.02 12.15 -32.61
N ILE B 60 17.40 13.30 -32.35
CA ILE B 60 16.25 13.37 -31.44
C ILE B 60 15.00 12.98 -32.19
N VAL B 61 14.34 11.94 -31.71
CA VAL B 61 13.01 11.55 -32.17
C VAL B 61 11.98 11.91 -31.11
N CYS B 62 10.94 12.64 -31.54
CA CYS B 62 9.79 12.96 -30.70
C CYS B 62 8.52 12.37 -31.29
N ASN B 63 7.63 11.98 -30.40
CA ASN B 63 6.33 11.44 -30.82
C ASN B 63 5.31 11.69 -29.70
N SER B 64 4.06 11.45 -30.06
CA SER B 64 2.95 11.36 -29.14
C SER B 64 2.48 9.94 -29.05
N LYS B 65 1.68 9.69 -28.00
CA LYS B 65 1.02 8.41 -27.85
C LYS B 65 -0.39 8.63 -27.36
N ASP B 66 -1.37 8.05 -28.07
CA ASP B 66 -2.79 8.35 -27.85
C ASP B 66 -3.51 7.02 -27.66
N GLY B 67 -4.01 6.78 -26.44
CA GLY B 67 -4.59 5.48 -26.12
C GLY B 67 -3.68 4.30 -26.48
N GLY B 68 -2.37 4.42 -26.27
CA GLY B 68 -1.45 3.33 -26.55
C GLY B 68 -0.80 3.37 -27.92
N ALA B 69 -1.31 4.24 -28.81
CA ALA B 69 -0.92 4.28 -30.21
C ALA B 69 0.07 5.41 -30.50
N TRP B 70 1.20 5.03 -31.06
CA TRP B 70 2.18 6.05 -31.43
C TRP B 70 1.67 6.90 -32.59
N GLY B 71 1.98 8.18 -32.58
CA GLY B 71 1.68 9.05 -33.69
C GLY B 71 2.78 9.10 -34.73
N THR B 72 2.80 10.18 -35.48
CA THR B 72 3.81 10.45 -36.48
C THR B 72 5.07 11.03 -35.85
N GLU B 73 6.20 10.35 -36.05
CA GLU B 73 7.48 10.83 -35.49
C GLU B 73 7.91 12.13 -36.09
N GLN B 74 8.58 12.94 -35.28
CA GLN B 74 9.27 14.13 -35.72
C GLN B 74 10.73 13.99 -35.35
N ARG B 75 11.62 14.36 -36.25
CA ARG B 75 13.06 14.31 -35.98
C ARG B 75 13.62 15.70 -35.98
N GLU B 76 14.53 15.91 -35.05
CA GLU B 76 15.19 17.20 -35.01
C GLU B 76 16.53 17.16 -35.76
N ALA B 77 17.12 18.32 -35.96
CA ALA B 77 18.25 18.56 -36.84
C ALA B 77 19.55 18.70 -36.02
N VAL B 78 19.41 18.85 -34.68
CA VAL B 78 20.50 19.13 -33.78
C VAL B 78 20.58 18.08 -32.70
N PHE B 79 21.78 17.89 -32.12
CA PHE B 79 21.97 16.83 -31.16
C PHE B 79 23.04 17.17 -30.11
N PRO B 80 22.65 17.91 -29.09
CA PRO B 80 23.60 18.37 -28.06
C PRO B 80 23.65 17.43 -26.85
N PHE B 81 23.77 16.14 -27.09
CA PHE B 81 23.83 15.14 -26.03
C PHE B 81 25.02 14.20 -26.25
N GLN B 82 25.51 13.63 -25.16
CA GLN B 82 26.58 12.66 -25.19
C GLN B 82 26.25 11.60 -24.16
N PRO B 83 26.51 10.34 -24.49
CA PRO B 83 26.43 9.34 -23.41
C PRO B 83 27.42 9.66 -22.30
N GLY B 84 27.03 9.46 -21.05
CA GLY B 84 27.94 9.68 -19.93
C GLY B 84 28.08 11.12 -19.47
N SER B 85 27.13 11.97 -19.85
CA SER B 85 27.18 13.36 -19.46
C SER B 85 25.80 13.81 -18.97
N VAL B 86 25.80 14.94 -18.27
CA VAL B 86 24.58 15.49 -17.72
C VAL B 86 23.89 16.29 -18.79
N ALA B 87 22.56 16.10 -18.84
CA ALA B 87 21.73 16.77 -19.80
C ALA B 87 20.57 17.40 -19.09
N GLU B 88 20.20 18.61 -19.51
CA GLU B 88 19.03 19.32 -19.00
C GLU B 88 18.15 19.78 -20.14
N VAL B 89 16.87 19.56 -19.98
N VAL B 89 16.85 19.62 -19.97
CA VAL B 89 15.87 20.04 -20.91
CA VAL B 89 15.87 20.06 -20.94
C VAL B 89 14.83 20.88 -20.15
C VAL B 89 14.71 20.75 -20.22
N ILE B 91 10.80 22.31 -20.70
CA ILE B 91 9.60 22.13 -21.51
C ILE B 91 8.48 22.99 -21.02
N THR B 92 7.81 23.67 -21.96
CA THR B 92 6.58 24.40 -21.66
C THR B 92 5.52 24.02 -22.74
N PHE B 93 4.24 24.29 -22.50
CA PHE B 93 3.20 24.12 -23.54
C PHE B 93 2.08 25.13 -23.49
N ASP B 94 1.34 25.16 -24.61
CA ASP B 94 0.09 25.92 -24.77
C ASP B 94 -0.81 25.03 -25.60
N GLN B 95 -1.95 25.55 -26.04
CA GLN B 95 -2.89 24.67 -26.70
C GLN B 95 -2.38 24.13 -28.06
N ALA B 96 -1.51 24.89 -28.73
CA ALA B 96 -1.03 24.48 -30.05
C ALA B 96 0.20 23.57 -30.01
N ASN B 97 1.13 23.86 -29.10
CA ASN B 97 2.44 23.21 -29.13
C ASN B 97 3.10 23.08 -27.77
N LEU B 98 3.93 22.05 -27.64
CA LEU B 98 4.95 22.04 -26.61
C LEU B 98 6.22 22.72 -27.18
N THR B 99 6.95 23.44 -26.34
CA THR B 99 8.26 23.97 -26.71
C THR B 99 9.33 23.33 -25.84
N VAL B 100 10.37 22.79 -26.49
CA VAL B 100 11.46 22.10 -25.84
C VAL B 100 12.69 22.93 -26.03
N LYS B 101 13.35 23.25 -24.93
CA LYS B 101 14.60 23.98 -24.98
C LYS B 101 15.72 23.05 -24.54
N LEU B 102 16.76 22.98 -25.34
CA LEU B 102 17.85 22.04 -25.17
C LEU B 102 19.02 22.71 -24.47
N PRO B 103 20.01 21.89 -24.06
CA PRO B 103 21.19 22.39 -23.38
C PRO B 103 21.85 23.56 -24.08
N ASP B 104 22.04 23.49 -25.39
CA ASP B 104 22.81 24.59 -25.98
C ASP B 104 22.00 25.88 -26.23
N GLY B 105 20.76 25.97 -25.75
CA GLY B 105 19.86 27.09 -26.07
C GLY B 105 18.84 26.84 -27.22
N TYR B 106 19.08 25.84 -28.03
CA TYR B 106 18.19 25.55 -29.14
C TYR B 106 16.76 25.20 -28.71
N GLU B 107 15.76 25.70 -29.42
CA GLU B 107 14.39 25.42 -29.10
C GLU B 107 13.66 24.86 -30.30
N PHE B 108 12.75 23.92 -30.05
CA PHE B 108 11.88 23.46 -31.08
C PHE B 108 10.49 23.23 -30.53
N LYS B 109 9.54 23.18 -31.43
CA LYS B 109 8.14 22.94 -31.07
C LYS B 109 7.70 21.55 -31.50
N PHE B 110 6.79 20.97 -30.73
CA PHE B 110 6.18 19.69 -31.08
C PHE B 110 4.67 19.87 -30.86
N PRO B 111 3.83 19.45 -31.81
CA PRO B 111 2.40 19.79 -31.70
C PRO B 111 1.74 19.13 -30.49
N ASN B 112 0.80 19.84 -29.82
CA ASN B 112 0.00 19.28 -28.73
C ASN B 112 -1.21 18.52 -29.29
N ARG B 113 -0.94 17.27 -29.68
CA ARG B 113 -1.88 16.47 -30.44
C ARG B 113 -3.05 15.92 -29.63
N LEU B 114 -2.82 15.74 -28.34
CA LEU B 114 -3.82 15.21 -27.41
C LEU B 114 -4.70 16.30 -26.85
N ASN B 115 -4.37 17.54 -27.15
CA ASN B 115 -5.09 18.72 -26.62
C ASN B 115 -5.17 18.70 -25.09
N LEU B 116 -4.05 18.37 -24.49
CA LEU B 116 -3.99 18.31 -23.06
C LEU B 116 -4.04 19.75 -22.51
N GLU B 117 -4.74 19.90 -21.40
CA GLU B 117 -4.74 21.18 -20.68
C GLU B 117 -3.89 21.17 -19.42
N ALA B 118 -3.33 20.02 -19.08
CA ALA B 118 -2.34 19.93 -18.00
C ALA B 118 -1.51 18.72 -18.31
N ILE B 119 -0.27 18.74 -17.84
CA ILE B 119 0.58 17.59 -17.94
C ILE B 119 0.69 17.07 -16.54
N ASN B 120 0.32 15.81 -16.35
CA ASN B 120 0.30 15.22 -15.01
C ASN B 120 1.27 14.08 -14.74
N TYR B 121 1.86 13.57 -15.81
CA TYR B 121 2.72 12.42 -15.74
C TYR B 121 4.06 12.70 -16.43
N MET B 122 5.12 12.18 -15.82
CA MET B 122 6.42 12.22 -16.41
C MET B 122 7.12 10.92 -16.07
N ALA B 123 7.91 10.39 -16.96
CA ALA B 123 8.73 9.21 -16.73
C ALA B 123 10.02 9.26 -17.54
N ALA B 124 11.09 8.85 -16.89
CA ALA B 124 12.38 8.65 -17.52
C ALA B 124 12.64 7.15 -17.73
N ASP B 125 13.38 6.83 -18.79
CA ASP B 125 13.85 5.46 -18.87
C ASP B 125 15.13 5.22 -18.05
N GLY B 126 15.59 3.98 -18.07
CA GLY B 126 16.73 3.60 -17.27
C GLY B 126 18.06 4.15 -17.75
N ASP B 127 18.06 4.86 -18.88
CA ASP B 127 19.29 5.47 -19.38
C ASP B 127 19.40 6.95 -19.04
N PHE B 128 18.39 7.48 -18.38
CA PHE B 128 18.40 8.88 -17.99
C PHE B 128 18.10 8.93 -16.50
N LYS B 129 19.15 9.16 -15.72
CA LYS B 129 19.02 9.19 -14.27
C LYS B 129 18.76 10.63 -13.82
N ILE B 130 17.51 10.88 -13.43
CA ILE B 130 17.09 12.22 -13.07
C ILE B 130 17.74 12.66 -11.74
N LYS B 131 18.34 13.85 -11.82
CA LYS B 131 19.05 14.46 -10.68
C LYS B 131 18.30 15.68 -10.09
N VAL B 133 14.47 18.02 -10.75
CA VAL B 133 13.26 18.50 -11.37
C VAL B 133 12.77 19.82 -10.74
N ALA B 134 12.58 20.84 -11.57
CA ALA B 134 12.07 22.12 -11.11
C ALA B 134 10.82 22.54 -11.88
N PHE B 135 9.94 23.25 -11.18
CA PHE B 135 8.69 23.77 -11.72
C PHE B 135 8.73 25.28 -11.61
N ASP B 136 8.56 25.94 -12.78
CA ASP B 136 8.73 27.39 -12.86
C ASP B 136 7.79 27.90 -13.96
N CYS C 4 -15.32 -4.45 -1.32
CA CYS C 4 -14.29 -5.18 -0.55
C CYS C 4 -14.81 -6.17 0.49
N GLY C 5 -14.13 -7.30 0.53
CA GLY C 5 -14.44 -8.34 1.46
C GLY C 5 -13.51 -8.37 2.65
N LEU C 6 -13.43 -9.57 3.21
N LEU C 6 -13.45 -9.55 3.25
CA LEU C 6 -12.63 -9.88 4.39
CA LEU C 6 -12.67 -9.77 4.44
C LEU C 6 -11.14 -9.58 4.20
C LEU C 6 -11.21 -9.37 4.15
N VAL C 7 -10.57 -8.84 5.17
CA VAL C 7 -9.17 -8.56 5.17
C VAL C 7 -8.56 -9.14 6.42
N ALA C 8 -7.52 -9.95 6.35
CA ALA C 8 -6.88 -10.53 7.53
C ALA C 8 -5.42 -10.11 7.50
N SER C 9 -4.88 -9.80 8.64
CA SER C 9 -3.51 -9.44 8.79
C SER C 9 -2.92 -10.16 10.02
N ASN C 10 -1.61 -10.03 10.14
CA ASN C 10 -0.81 -10.85 11.05
C ASN C 10 -0.99 -12.35 10.86
N LEU C 11 -1.06 -12.80 9.62
CA LEU C 11 -1.33 -14.21 9.41
C LEU C 11 -0.21 -15.14 9.76
N ASN C 12 1.00 -14.59 9.64
CA ASN C 12 2.21 -15.33 9.88
C ASN C 12 2.21 -16.72 9.23
N LEU C 13 1.80 -16.75 7.96
CA LEU C 13 1.77 -18.00 7.19
C LEU C 13 3.21 -18.26 6.71
N LYS C 14 3.73 -19.43 7.09
CA LYS C 14 5.15 -19.74 6.87
C LYS C 14 5.28 -20.70 5.68
N PRO C 15 6.49 -20.76 5.07
CA PRO C 15 6.60 -21.72 3.98
C PRO C 15 6.18 -23.11 4.39
N GLY C 16 5.50 -23.77 3.45
CA GLY C 16 5.08 -25.12 3.69
C GLY C 16 3.72 -25.20 4.34
N GLU C 17 3.19 -24.11 4.89
CA GLU C 17 1.86 -24.13 5.53
C GLU C 17 0.78 -23.89 4.49
N LEU C 19 -2.89 -22.40 3.35
CA LEU C 19 -4.07 -21.55 3.55
C LEU C 19 -5.23 -22.09 2.72
N ARG C 20 -6.36 -22.40 3.37
CA ARG C 20 -7.54 -22.86 2.68
C ARG C 20 -8.63 -21.82 2.82
N VAL C 21 -9.25 -21.42 1.70
CA VAL C 21 -10.30 -20.40 1.72
C VAL C 21 -11.47 -20.92 0.92
N ARG C 22 -12.65 -20.95 1.53
CA ARG C 22 -13.86 -21.35 0.88
C ARG C 22 -14.87 -20.21 1.01
N GLY C 23 -15.55 -19.92 -0.08
CA GLY C 23 -16.52 -18.86 -0.10
C GLY C 23 -17.55 -19.00 -1.19
N GLU C 24 -18.47 -18.06 -1.21
CA GLU C 24 -19.51 -17.98 -2.23
C GLU C 24 -19.13 -16.96 -3.29
N VAL C 25 -19.14 -17.42 -4.54
CA VAL C 25 -18.95 -16.58 -5.70
C VAL C 25 -20.36 -16.24 -6.12
N ALA C 26 -20.64 -14.97 -6.28
CA ALA C 26 -22.00 -14.57 -6.58
C ALA C 26 -22.61 -15.21 -7.86
N PRO C 27 -23.96 -15.22 -7.99
CA PRO C 27 -24.60 -15.89 -9.14
C PRO C 27 -24.42 -15.19 -10.49
N ASP C 28 -24.06 -13.91 -10.43
CA ASP C 28 -23.80 -13.06 -11.60
C ASP C 28 -22.35 -12.60 -11.57
N ALA C 29 -21.45 -13.44 -11.03
CA ALA C 29 -20.06 -13.06 -10.83
C ALA C 29 -19.43 -12.56 -12.13
N LYS C 30 -18.60 -11.53 -12.07
CA LYS C 30 -17.82 -11.10 -13.22
C LYS C 30 -16.31 -11.35 -13.02
N SER C 31 -15.92 -11.27 -11.75
N SER C 31 -15.85 -11.16 -11.81
CA SER C 31 -14.54 -11.39 -11.34
CA SER C 31 -14.54 -11.65 -11.40
C SER C 31 -14.53 -11.53 -9.83
C SER C 31 -14.57 -11.64 -9.89
N PHE C 32 -13.58 -12.29 -9.30
CA PHE C 32 -13.26 -12.12 -7.87
C PHE C 32 -11.76 -12.20 -7.60
N VAL C 33 -11.34 -11.76 -6.42
CA VAL C 33 -9.94 -11.60 -6.13
C VAL C 33 -9.65 -12.13 -4.74
N LEU C 34 -8.57 -12.88 -4.67
CA LEU C 34 -7.90 -13.13 -3.38
C LEU C 34 -6.45 -12.65 -3.49
N ASN C 35 -6.09 -11.74 -2.58
CA ASN C 35 -4.75 -11.20 -2.54
C ASN C 35 -4.01 -11.72 -1.32
N LEU C 36 -2.76 -12.07 -1.51
CA LEU C 36 -1.90 -12.55 -0.44
C LEU C 36 -0.58 -11.82 -0.50
N GLY C 37 -0.03 -11.41 0.65
CA GLY C 37 1.32 -10.86 0.68
C GLY C 37 1.56 -10.18 1.98
N LYS C 38 2.10 -8.99 1.94
CA LYS C 38 2.44 -8.21 3.13
C LYS C 38 1.42 -7.11 3.42
N ASP C 39 0.96 -6.46 2.38
CA ASP C 39 -0.03 -5.40 2.47
C ASP C 39 -0.55 -5.11 1.08
N SER C 40 -1.47 -4.19 0.93
CA SER C 40 -2.16 -4.02 -0.38
C SER C 40 -1.23 -3.59 -1.57
N ASN C 41 -0.04 -3.08 -1.24
CA ASN C 41 0.95 -2.72 -2.26
C ASN C 41 2.04 -3.74 -2.54
N ASN C 42 2.01 -4.82 -1.75
CA ASN C 42 3.02 -5.82 -1.75
C ASN C 42 2.40 -7.22 -1.65
N LEU C 43 2.12 -7.75 -2.85
CA LEU C 43 1.37 -8.99 -3.00
C LEU C 43 2.26 -10.02 -3.67
N CYS C 44 2.49 -11.15 -2.99
CA CYS C 44 3.13 -12.28 -3.68
C CYS C 44 2.16 -13.01 -4.61
N LEU C 45 0.86 -12.89 -4.35
CA LEU C 45 -0.14 -13.47 -5.24
C LEU C 45 -1.43 -12.66 -5.23
N HIS C 46 -1.78 -12.10 -6.38
CA HIS C 46 -3.08 -11.56 -6.72
C HIS C 46 -3.67 -12.67 -7.55
N PHE C 47 -4.71 -13.32 -7.03
CA PHE C 47 -5.39 -14.45 -7.67
C PHE C 47 -6.75 -13.94 -8.11
N ASN C 48 -6.97 -13.86 -9.43
CA ASN C 48 -8.10 -13.13 -9.97
C ASN C 48 -8.79 -13.98 -11.06
N PRO C 49 -9.67 -14.87 -10.63
CA PRO C 49 -10.54 -15.55 -11.65
C PRO C 49 -11.46 -14.54 -12.32
N ARG C 50 -11.37 -14.42 -13.66
CA ARG C 50 -12.21 -13.53 -14.41
C ARG C 50 -13.23 -14.34 -15.19
N PHE C 51 -14.50 -14.15 -14.86
CA PHE C 51 -15.57 -14.74 -15.64
C PHE C 51 -15.71 -13.99 -16.96
N ASN C 52 -15.82 -12.68 -16.84
CA ASN C 52 -15.82 -11.77 -17.96
C ASN C 52 -15.36 -10.39 -17.51
N ALA C 53 -14.05 -10.14 -17.62
CA ALA C 53 -13.48 -8.91 -17.12
C ALA C 53 -12.18 -8.60 -17.85
N HIS C 54 -12.05 -7.35 -18.28
CA HIS C 54 -10.81 -6.84 -18.87
C HIS C 54 -10.39 -7.67 -20.10
N GLY C 55 -11.37 -8.16 -20.84
CA GLY C 55 -11.07 -8.86 -22.07
C GLY C 55 -10.86 -10.38 -21.89
N ASP C 56 -10.79 -10.78 -20.62
CA ASP C 56 -10.66 -12.21 -20.31
C ASP C 56 -11.99 -12.82 -20.00
N ALA C 57 -12.24 -13.98 -20.60
CA ALA C 57 -13.42 -14.80 -20.26
C ALA C 57 -12.96 -16.15 -19.68
N ASN C 58 -13.49 -16.51 -18.51
CA ASN C 58 -13.15 -17.76 -17.77
C ASN C 58 -11.67 -18.06 -17.76
N THR C 59 -10.90 -17.08 -17.30
CA THR C 59 -9.48 -17.21 -17.20
C THR C 59 -9.06 -16.74 -15.82
N ILE C 60 -8.11 -17.44 -15.22
CA ILE C 60 -7.52 -16.98 -13.95
C ILE C 60 -6.32 -16.11 -14.34
N VAL C 61 -6.31 -14.87 -13.83
CA VAL C 61 -5.17 -14.02 -14.01
C VAL C 61 -4.48 -13.96 -12.67
N CYS C 62 -3.20 -14.26 -12.66
CA CYS C 62 -2.38 -14.10 -11.47
C CYS C 62 -1.30 -13.07 -11.72
N ASN C 63 -0.93 -12.37 -10.63
CA ASN C 63 0.16 -11.43 -10.74
C ASN C 63 0.73 -11.21 -9.36
N SER C 64 1.87 -10.50 -9.36
CA SER C 64 2.45 -9.96 -8.16
C SER C 64 2.32 -8.44 -8.18
N LYS C 65 2.52 -7.85 -7.00
CA LYS C 65 2.65 -6.40 -6.92
C LYS C 65 3.75 -6.06 -5.91
N ASP C 66 4.63 -5.13 -6.23
CA ASP C 66 5.81 -4.89 -5.40
C ASP C 66 5.95 -3.39 -5.34
N GLY C 67 5.85 -2.83 -4.14
CA GLY C 67 6.00 -1.38 -4.07
C GLY C 67 4.91 -0.61 -4.80
N GLY C 68 3.73 -1.25 -4.97
CA GLY C 68 2.60 -0.65 -5.66
C GLY C 68 2.50 -0.99 -7.14
N ALA C 69 3.54 -1.59 -7.69
CA ALA C 69 3.65 -1.84 -9.14
C ALA C 69 3.30 -3.30 -9.47
N TRP C 70 2.41 -3.47 -10.44
CA TRP C 70 2.09 -4.81 -10.91
C TRP C 70 3.26 -5.42 -11.65
N GLY C 71 3.45 -6.72 -11.49
CA GLY C 71 4.38 -7.47 -12.29
C GLY C 71 3.78 -7.95 -13.59
N THR C 72 4.39 -9.01 -14.09
CA THR C 72 3.97 -9.62 -15.35
C THR C 72 2.91 -10.68 -15.08
N GLU C 73 1.76 -10.50 -15.72
CA GLU C 73 0.65 -11.44 -15.50
C GLU C 73 0.94 -12.84 -15.98
N GLN C 74 0.36 -13.82 -15.29
N GLN C 74 0.36 -13.84 -15.30
CA GLN C 74 0.26 -15.17 -15.84
CA GLN C 74 0.33 -15.25 -15.77
C GLN C 74 -1.19 -15.57 -15.88
C GLN C 74 -1.14 -15.66 -15.82
N ARG C 75 -1.54 -16.33 -16.89
CA ARG C 75 -2.92 -16.72 -17.08
C ARG C 75 -3.02 -18.26 -17.02
N GLU C 76 -4.09 -18.72 -16.38
CA GLU C 76 -4.43 -20.15 -16.33
C GLU C 76 -5.82 -20.35 -16.94
N ALA C 77 -5.91 -21.22 -17.95
CA ALA C 77 -7.16 -21.45 -18.69
C ALA C 77 -8.04 -22.46 -18.00
N VAL C 78 -7.48 -23.32 -17.18
CA VAL C 78 -8.31 -24.27 -16.43
C VAL C 78 -9.11 -23.53 -15.36
N PHE C 79 -10.44 -23.59 -15.41
CA PHE C 79 -11.27 -22.63 -14.68
C PHE C 79 -12.46 -23.32 -14.04
N PRO C 80 -12.25 -23.92 -12.86
CA PRO C 80 -13.34 -24.68 -12.23
C PRO C 80 -14.14 -23.83 -11.27
N PHE C 81 -14.59 -22.68 -11.78
CA PHE C 81 -15.43 -21.75 -11.02
C PHE C 81 -16.69 -21.42 -11.81
N GLN C 82 -17.79 -21.27 -11.11
CA GLN C 82 -19.10 -21.10 -11.70
C GLN C 82 -19.70 -19.98 -10.91
N PRO C 83 -20.37 -19.04 -11.57
CA PRO C 83 -21.19 -18.14 -10.76
C PRO C 83 -22.19 -18.87 -9.91
N GLY C 84 -22.32 -18.37 -8.67
CA GLY C 84 -23.42 -18.71 -7.78
C GLY C 84 -23.22 -20.08 -7.20
N SER C 85 -21.97 -20.34 -6.87
CA SER C 85 -21.57 -21.61 -6.35
C SER C 85 -20.56 -21.29 -5.25
N VAL C 86 -20.15 -22.34 -4.56
CA VAL C 86 -19.14 -22.30 -3.52
C VAL C 86 -17.81 -22.68 -4.16
N ALA C 87 -16.76 -21.90 -3.91
CA ALA C 87 -15.43 -22.27 -4.39
C ALA C 87 -14.46 -22.35 -3.25
N GLU C 88 -13.58 -23.36 -3.26
CA GLU C 88 -12.48 -23.49 -2.33
C GLU C 88 -11.15 -23.45 -3.10
N VAL C 89 -10.20 -22.63 -2.60
N VAL C 89 -10.17 -22.75 -2.52
CA VAL C 89 -8.82 -22.55 -3.08
CA VAL C 89 -8.85 -22.73 -3.07
C VAL C 89 -7.91 -22.91 -1.88
C VAL C 89 -7.87 -22.87 -1.92
N ILE C 91 -3.79 -22.71 -0.89
CA ILE C 91 -2.52 -22.16 -1.33
C ILE C 91 -1.39 -22.44 -0.37
N THR C 92 -0.25 -22.85 -0.91
CA THR C 92 0.97 -22.99 -0.14
C THR C 92 2.09 -22.26 -0.85
N PHE C 93 3.18 -22.04 -0.17
CA PHE C 93 4.32 -21.39 -0.81
C PHE C 93 5.63 -21.84 -0.22
N ASP C 94 6.66 -21.64 -1.03
CA ASP C 94 8.02 -21.71 -0.58
C ASP C 94 8.72 -20.47 -1.16
N GLN C 95 10.03 -20.37 -1.02
CA GLN C 95 10.69 -19.16 -1.45
C GLN C 95 10.78 -19.01 -2.95
N ALA C 96 10.46 -20.07 -3.68
CA ALA C 96 10.52 -20.04 -5.14
C ALA C 96 9.16 -19.82 -5.81
N ASN C 97 8.15 -20.51 -5.31
CA ASN C 97 6.84 -20.51 -5.92
C ASN C 97 5.72 -20.61 -4.92
N LEU C 98 4.56 -20.09 -5.32
CA LEU C 98 3.28 -20.42 -4.68
C LEU C 98 2.60 -21.51 -5.52
N THR C 99 1.95 -22.43 -4.82
CA THR C 99 1.20 -23.47 -5.48
C THR C 99 -0.25 -23.27 -5.11
N VAL C 100 -1.08 -23.17 -6.13
CA VAL C 100 -2.52 -22.99 -5.97
C VAL C 100 -3.19 -24.30 -6.35
N LYS C 101 -4.00 -24.81 -5.41
CA LYS C 101 -4.83 -25.99 -5.70
C LYS C 101 -6.29 -25.55 -5.80
N LEU C 102 -6.87 -25.82 -6.96
CA LEU C 102 -8.19 -25.31 -7.35
C LEU C 102 -9.25 -26.33 -6.99
N PRO C 103 -10.53 -25.91 -7.08
CA PRO C 103 -11.66 -26.76 -6.71
C PRO C 103 -11.56 -28.19 -7.23
N ASP C 104 -11.16 -28.46 -8.47
CA ASP C 104 -11.05 -29.88 -8.86
C ASP C 104 -9.88 -30.70 -8.27
N GLY C 105 -8.90 -30.03 -7.66
CA GLY C 105 -7.65 -30.71 -7.30
C GLY C 105 -6.53 -30.32 -8.26
N TYR C 106 -6.88 -29.62 -9.34
CA TYR C 106 -5.88 -29.12 -10.28
C TYR C 106 -4.93 -28.15 -9.54
N GLU C 107 -3.63 -28.29 -9.80
CA GLU C 107 -2.62 -27.44 -9.20
C GLU C 107 -1.86 -26.67 -10.27
N PHE C 108 -1.53 -25.42 -9.96
CA PHE C 108 -0.55 -24.71 -10.73
C PHE C 108 0.37 -23.92 -9.82
N LYS C 109 1.53 -23.57 -10.37
CA LYS C 109 2.48 -22.72 -9.69
C LYS C 109 2.54 -21.28 -10.23
N PHE C 110 2.84 -20.37 -9.33
CA PHE C 110 3.06 -18.96 -9.66
C PHE C 110 4.35 -18.55 -8.97
N PRO C 111 5.28 -17.92 -9.69
CA PRO C 111 6.55 -17.59 -9.06
C PRO C 111 6.43 -16.65 -7.88
N ASN C 112 7.22 -16.89 -6.85
CA ASN C 112 7.30 -15.97 -5.72
C ASN C 112 8.34 -14.90 -5.99
N ARG C 113 7.86 -13.74 -6.39
CA ARG C 113 8.71 -12.63 -6.86
C ARG C 113 9.11 -11.67 -5.78
N LEU C 114 8.54 -11.83 -4.60
CA LEU C 114 8.85 -10.94 -3.47
C LEU C 114 9.81 -11.36 -2.34
N ASN C 115 10.16 -12.61 -2.07
CA ASN C 115 11.10 -12.70 -0.90
C ASN C 115 10.58 -12.07 0.46
N LEU C 116 9.33 -12.40 0.84
CA LEU C 116 8.79 -12.17 2.19
C LEU C 116 9.07 -13.40 3.08
N GLU C 117 9.45 -13.15 4.33
CA GLU C 117 9.68 -14.26 5.27
C GLU C 117 8.38 -15.07 5.50
N ALA C 118 7.28 -14.34 5.71
CA ALA C 118 5.97 -14.96 5.89
C ALA C 118 4.95 -14.21 5.03
N ILE C 119 3.80 -14.83 4.82
CA ILE C 119 2.66 -14.14 4.28
C ILE C 119 1.85 -13.65 5.46
N ASN C 120 1.64 -12.34 5.53
CA ASN C 120 0.94 -11.76 6.66
C ASN C 120 -0.37 -11.11 6.36
N TYR C 121 -0.74 -11.04 5.10
CA TYR C 121 -1.91 -10.28 4.68
C TYR C 121 -2.69 -11.09 3.66
N MET C 122 -4.00 -11.09 3.83
CA MET C 122 -4.94 -11.65 2.90
C MET C 122 -6.15 -10.74 2.76
N ALA C 123 -6.61 -10.55 1.53
CA ALA C 123 -7.78 -9.71 1.30
C ALA C 123 -8.59 -10.33 0.19
N ALA C 124 -9.88 -10.41 0.40
CA ALA C 124 -10.84 -10.80 -0.62
C ALA C 124 -11.55 -9.57 -1.15
N ASP C 125 -11.82 -9.59 -2.45
CA ASP C 125 -12.59 -8.53 -2.99
C ASP C 125 -13.78 -9.07 -3.58
N GLY C 126 -14.81 -8.83 -2.72
CA GLY C 126 -16.01 -8.13 -3.18
C GLY C 126 -17.17 -8.98 -3.78
N ASP C 127 -16.79 -9.99 -4.56
CA ASP C 127 -17.66 -10.81 -5.44
C ASP C 127 -17.52 -12.33 -5.08
N PHE C 128 -16.70 -12.41 -4.05
CA PHE C 128 -16.34 -13.62 -3.32
C PHE C 128 -16.61 -13.42 -1.81
N LYS C 129 -17.59 -14.13 -1.26
CA LYS C 129 -17.88 -13.94 0.17
C LYS C 129 -17.33 -15.14 0.94
N ILE C 130 -16.30 -14.87 1.74
CA ILE C 130 -15.59 -15.92 2.45
C ILE C 130 -16.49 -16.49 3.55
N LYS C 131 -16.58 -17.83 3.58
CA LYS C 131 -17.39 -18.57 4.54
C LYS C 131 -16.52 -19.35 5.52
N VAL C 133 -12.09 -19.90 6.50
N VAL C 133 -12.11 -19.88 6.51
CA VAL C 133 -10.65 -19.77 6.26
CA VAL C 133 -10.67 -19.80 6.24
C VAL C 133 -9.94 -20.67 7.24
C VAL C 133 -9.96 -20.67 7.24
N ALA C 134 -9.00 -21.46 6.80
CA ALA C 134 -8.23 -22.33 7.69
C ALA C 134 -6.78 -22.08 7.42
N PHE C 135 -6.04 -21.84 8.50
CA PHE C 135 -4.68 -21.31 8.45
C PHE C 135 -3.95 -22.46 8.99
N ASP C 136 -3.92 -23.50 8.20
CA ASP C 136 -4.14 -24.79 8.78
C ASP C 136 -4.93 -25.01 10.11
N CYS D 4 -1.10 -9.17 18.44
CA CYS D 4 0.00 -9.98 17.93
C CYS D 4 -0.53 -11.27 17.28
N GLY D 5 -1.82 -11.59 17.48
CA GLY D 5 -2.40 -12.65 16.72
C GLY D 5 -3.11 -12.14 15.48
N LEU D 6 -3.93 -13.01 14.91
N LEU D 6 -3.88 -13.01 14.87
CA LEU D 6 -4.68 -12.69 13.70
CA LEU D 6 -4.65 -12.70 13.69
C LEU D 6 -5.58 -11.49 13.92
C LEU D 6 -5.62 -11.54 13.91
N VAL D 7 -5.63 -10.59 12.99
CA VAL D 7 -6.56 -9.49 13.00
C VAL D 7 -7.38 -9.54 11.71
N ALA D 8 -8.69 -9.39 11.77
CA ALA D 8 -9.54 -9.46 10.58
C ALA D 8 -10.49 -8.29 10.58
N SER D 9 -10.59 -7.62 9.44
N SER D 9 -10.73 -7.72 9.44
CA SER D 9 -11.50 -6.47 9.26
CA SER D 9 -11.61 -6.57 9.35
C SER D 9 -12.52 -6.73 8.18
C SER D 9 -12.51 -6.72 8.16
N ASN D 10 -13.48 -5.83 8.06
CA ASN D 10 -14.58 -6.00 7.12
C ASN D 10 -15.32 -7.32 7.30
N LEU D 11 -15.60 -7.72 8.54
CA LEU D 11 -16.27 -9.03 8.74
C LEU D 11 -17.71 -8.99 8.31
N ASN D 12 -18.32 -7.82 8.45
CA ASN D 12 -19.71 -7.59 8.15
C ASN D 12 -20.65 -8.63 8.73
N LEU D 13 -20.42 -8.97 9.99
CA LEU D 13 -21.28 -9.92 10.66
C LEU D 13 -22.53 -9.20 11.17
N LYS D 14 -23.71 -9.64 10.72
CA LYS D 14 -24.99 -9.01 11.04
C LYS D 14 -25.74 -9.77 12.12
N PRO D 15 -26.76 -9.12 12.72
CA PRO D 15 -27.49 -9.83 13.76
C PRO D 15 -28.03 -11.17 13.27
N GLY D 16 -27.89 -12.17 14.13
CA GLY D 16 -28.36 -13.51 13.84
C GLY D 16 -27.31 -14.39 13.20
N GLU D 17 -26.19 -13.81 12.77
CA GLU D 17 -25.13 -14.60 12.17
C GLU D 17 -24.22 -15.11 13.24
N LEU D 19 -20.33 -16.59 14.25
CA LEU D 19 -18.92 -16.69 13.99
C LEU D 19 -18.33 -17.83 14.84
N ARG D 20 -17.59 -18.75 14.22
CA ARG D 20 -16.93 -19.86 14.90
C ARG D 20 -15.43 -19.71 14.77
N VAL D 21 -14.73 -19.65 15.91
CA VAL D 21 -13.31 -19.47 15.87
C VAL D 21 -12.66 -20.62 16.59
N ARG D 22 -11.72 -21.28 15.93
CA ARG D 22 -10.95 -22.36 16.55
C ARG D 22 -9.50 -21.95 16.58
N GLY D 23 -8.84 -22.10 17.73
CA GLY D 23 -7.44 -21.80 17.82
C GLY D 23 -6.68 -22.59 18.87
N GLU D 24 -5.36 -22.50 18.83
CA GLU D 24 -4.51 -23.17 19.79
C GLU D 24 -4.12 -22.20 20.90
N VAL D 25 -4.40 -22.58 22.13
CA VAL D 25 -3.97 -21.80 23.27
C VAL D 25 -2.54 -22.14 23.57
N ALA D 26 -1.68 -21.14 23.65
CA ALA D 26 -0.27 -21.39 23.89
C ALA D 26 0.03 -22.14 25.18
N PRO D 27 1.00 -23.05 25.13
CA PRO D 27 1.40 -23.79 26.33
C PRO D 27 1.84 -22.72 27.33
N ASP D 28 1.64 -22.76 28.62
CA ASP D 28 2.17 -21.59 29.34
C ASP D 28 1.42 -20.25 29.14
N ALA D 29 0.36 -20.17 28.31
CA ALA D 29 -0.48 -18.95 28.36
C ALA D 29 -0.94 -18.68 29.80
N LYS D 30 -0.89 -17.41 30.20
CA LYS D 30 -1.54 -16.96 31.43
C LYS D 30 -2.99 -16.52 31.17
N SER D 31 -3.30 -16.24 29.91
CA SER D 31 -4.61 -15.79 29.50
C SER D 31 -4.59 -15.81 27.98
N PHE D 32 -5.76 -15.71 27.37
CA PHE D 32 -5.81 -15.38 25.94
C PHE D 32 -6.98 -14.47 25.69
N VAL D 33 -6.98 -13.84 24.52
CA VAL D 33 -7.95 -12.83 24.18
C VAL D 33 -8.48 -13.04 22.75
N LEU D 34 -9.80 -12.93 22.64
CA LEU D 34 -10.47 -12.69 21.36
C LEU D 34 -11.32 -11.44 21.50
N ASN D 35 -11.04 -10.44 20.65
CA ASN D 35 -11.78 -9.19 20.65
C ASN D 35 -12.65 -9.11 19.43
N LEU D 36 -13.84 -8.58 19.57
N LEU D 36 -13.88 -8.64 19.58
CA LEU D 36 -14.81 -8.38 18.52
CA LEU D 36 -14.78 -8.33 18.48
C LEU D 36 -15.38 -6.98 18.62
C LEU D 36 -15.33 -6.93 18.63
N GLY D 37 -15.57 -6.27 17.50
CA GLY D 37 -16.29 -5.02 17.57
C GLY D 37 -16.29 -4.30 16.24
N LYS D 38 -16.17 -2.98 16.34
CA LYS D 38 -16.15 -2.11 15.18
C LYS D 38 -14.73 -1.86 14.73
N ASP D 39 -13.86 -1.69 15.70
CA ASP D 39 -12.44 -1.48 15.46
C ASP D 39 -11.72 -1.66 16.81
N SER D 40 -10.42 -1.45 16.82
CA SER D 40 -9.58 -1.84 17.96
C SER D 40 -9.91 -1.03 19.19
N ASN D 41 -10.58 0.12 19.01
CA ASN D 41 -10.94 0.98 20.12
C ASN D 41 -12.39 0.86 20.56
N ASN D 42 -13.17 0.10 19.81
CA ASN D 42 -14.62 0.00 20.01
C ASN D 42 -15.00 -1.46 19.89
N LEU D 43 -14.96 -2.10 21.05
CA LEU D 43 -15.17 -3.53 21.18
C LEU D 43 -16.50 -3.82 21.86
N CYS D 44 -17.32 -4.61 21.18
CA CYS D 44 -18.53 -5.13 21.80
C CYS D 44 -18.22 -6.28 22.70
N LEU D 45 -17.17 -7.03 22.38
CA LEU D 45 -16.76 -8.17 23.21
C LEU D 45 -15.27 -8.33 23.26
N HIS D 46 -14.69 -8.09 24.46
CA HIS D 46 -13.37 -8.52 24.81
C HIS D 46 -13.58 -9.80 25.61
N PHE D 47 -13.15 -10.91 25.05
CA PHE D 47 -13.38 -12.24 25.63
C PHE D 47 -12.03 -12.71 26.11
N ASN D 48 -11.85 -12.80 27.43
CA ASN D 48 -10.52 -12.97 27.99
C ASN D 48 -10.50 -14.07 29.05
N PRO D 49 -10.42 -15.32 28.59
CA PRO D 49 -10.15 -16.39 29.55
C PRO D 49 -8.79 -16.20 30.26
N ARG D 50 -8.84 -16.18 31.59
CA ARG D 50 -7.65 -15.95 32.37
C ARG D 50 -7.32 -17.23 33.17
N PHE D 51 -6.18 -17.83 32.87
CA PHE D 51 -5.69 -18.95 33.66
C PHE D 51 -5.11 -18.43 35.00
N ASN D 52 -4.20 -17.46 34.89
CA ASN D 52 -3.63 -16.77 36.02
C ASN D 52 -3.14 -15.42 35.59
N ALA D 53 -4.02 -14.42 35.64
CA ALA D 53 -3.72 -13.07 35.12
C ALA D 53 -4.65 -12.01 35.71
N HIS D 54 -4.06 -10.84 35.94
CA HIS D 54 -4.78 -9.64 36.32
C HIS D 54 -5.68 -9.87 37.54
N GLY D 55 -5.26 -10.74 38.44
CA GLY D 55 -6.03 -10.98 39.66
C GLY D 55 -6.92 -12.21 39.66
N ASP D 56 -7.15 -12.80 38.49
CA ASP D 56 -8.08 -13.88 38.31
C ASP D 56 -7.40 -15.22 38.05
N ALA D 57 -8.02 -16.28 38.54
CA ALA D 57 -7.56 -17.63 38.25
C ALA D 57 -8.72 -18.39 37.63
N ASN D 58 -8.44 -19.08 36.53
CA ASN D 58 -9.40 -19.85 35.78
C ASN D 58 -10.81 -19.24 35.74
N THR D 59 -10.87 -18.02 35.20
CA THR D 59 -12.09 -17.24 35.12
C THR D 59 -12.10 -16.56 33.79
N ILE D 60 -13.24 -16.62 33.10
CA ILE D 60 -13.43 -15.83 31.88
C ILE D 60 -13.84 -14.42 32.29
N VAL D 61 -13.06 -13.44 31.82
CA VAL D 61 -13.45 -12.05 31.96
C VAL D 61 -13.89 -11.54 30.63
N CYS D 62 -15.06 -10.93 30.62
CA CYS D 62 -15.56 -10.22 29.45
C CYS D 62 -15.83 -8.76 29.73
N ASN D 63 -15.60 -7.95 28.72
CA ASN D 63 -15.80 -6.52 28.81
C ASN D 63 -16.11 -5.93 27.44
N SER D 64 -16.53 -4.67 27.46
CA SER D 64 -16.63 -3.86 26.26
C SER D 64 -15.62 -2.74 26.36
N LYS D 65 -15.41 -2.11 25.22
CA LYS D 65 -14.52 -0.96 25.13
C LYS D 65 -15.15 0.07 24.21
N ASP D 66 -15.27 1.30 24.69
CA ASP D 66 -16.03 2.35 24.02
C ASP D 66 -15.16 3.59 23.93
N GLY D 67 -14.73 3.93 22.71
CA GLY D 67 -13.81 5.03 22.51
C GLY D 67 -12.54 4.87 23.33
N GLY D 68 -12.04 3.64 23.44
CA GLY D 68 -10.80 3.38 24.15
C GLY D 68 -10.99 3.12 25.64
N ALA D 69 -12.22 3.24 26.16
CA ALA D 69 -12.44 3.10 27.59
C ALA D 69 -13.09 1.77 27.92
N TRP D 70 -12.50 1.03 28.83
CA TRP D 70 -13.10 -0.21 29.26
C TRP D 70 -14.39 0.03 30.04
N GLY D 71 -15.36 -0.86 29.81
CA GLY D 71 -16.62 -0.87 30.52
C GLY D 71 -16.52 -1.65 31.81
N THR D 72 -17.69 -2.10 32.29
CA THR D 72 -17.77 -2.88 33.51
C THR D 72 -17.56 -4.38 33.19
N GLU D 73 -16.59 -4.98 33.84
CA GLU D 73 -16.28 -6.40 33.66
C GLU D 73 -17.39 -7.31 34.06
N GLN D 74 -17.53 -8.41 33.32
CA GLN D 74 -18.42 -9.48 33.72
C GLN D 74 -17.64 -10.75 33.82
N ARG D 75 -17.85 -11.55 34.84
CA ARG D 75 -17.08 -12.80 35.02
C ARG D 75 -17.97 -14.04 34.89
N GLU D 76 -17.41 -15.07 34.26
CA GLU D 76 -17.95 -16.40 34.09
C GLU D 76 -16.95 -17.41 34.71
N ALA D 77 -17.52 -18.02 35.69
CA ALA D 77 -16.98 -19.22 36.27
C ALA D 77 -16.78 -20.53 35.53
N VAL D 78 -17.66 -20.80 34.57
CA VAL D 78 -17.47 -22.00 33.80
C VAL D 78 -16.20 -21.78 33.01
N PHE D 79 -15.27 -22.72 33.09
CA PHE D 79 -13.94 -22.50 32.49
C PHE D 79 -13.37 -23.76 31.78
N PRO D 80 -13.87 -24.05 30.56
CA PRO D 80 -13.48 -25.24 29.80
C PRO D 80 -12.30 -24.98 28.89
N PHE D 81 -11.23 -24.44 29.47
CA PHE D 81 -10.01 -24.15 28.71
C PHE D 81 -8.78 -24.62 29.47
N GLN D 82 -7.75 -24.92 28.68
CA GLN D 82 -6.46 -25.40 29.21
C GLN D 82 -5.38 -24.80 28.33
N PRO D 83 -4.28 -24.39 28.96
CA PRO D 83 -3.12 -23.99 28.16
C PRO D 83 -2.65 -25.22 27.36
N GLY D 84 -2.18 -24.98 26.16
CA GLY D 84 -1.63 -26.02 25.31
C GLY D 84 -2.62 -26.87 24.55
N SER D 85 -3.86 -26.43 24.46
CA SER D 85 -4.88 -27.23 23.82
C SER D 85 -5.68 -26.36 22.86
N VAL D 86 -6.39 -27.04 21.98
CA VAL D 86 -7.26 -26.38 21.04
C VAL D 86 -8.57 -25.95 21.68
N ALA D 87 -8.98 -24.72 21.39
CA ALA D 87 -10.26 -24.24 21.82
C ALA D 87 -11.10 -23.65 20.70
N GLU D 88 -12.38 -23.97 20.68
CA GLU D 88 -13.34 -23.37 19.77
C GLU D 88 -14.44 -22.64 20.50
N VAL D 89 -14.79 -21.44 20.00
N VAL D 89 -14.69 -21.37 20.09
CA VAL D 89 -15.86 -20.66 20.57
CA VAL D 89 -15.85 -20.58 20.56
C VAL D 89 -16.78 -20.24 19.41
C VAL D 89 -16.75 -20.07 19.44
N ILE D 91 -19.83 -17.34 18.53
CA ILE D 91 -20.46 -16.11 18.95
C ILE D 91 -21.52 -15.65 17.95
N THR D 92 -22.67 -15.22 18.47
N THR D 92 -22.70 -15.28 18.48
CA THR D 92 -23.73 -14.58 17.67
CA THR D 92 -23.79 -14.66 17.70
C THR D 92 -24.17 -13.34 18.41
C THR D 92 -24.18 -13.35 18.41
N PHE D 93 -24.82 -12.38 17.74
CA PHE D 93 -25.44 -11.25 18.48
C PHE D 93 -26.77 -10.81 17.94
N ASP D 94 -27.50 -10.08 18.80
CA ASP D 94 -28.72 -9.38 18.42
C ASP D 94 -28.56 -7.97 19.04
N GLN D 95 -29.56 -7.12 18.90
CA GLN D 95 -29.47 -5.75 19.35
C GLN D 95 -29.24 -5.72 20.86
N ALA D 96 -29.75 -6.74 21.54
CA ALA D 96 -29.70 -6.78 23.00
C ALA D 96 -28.39 -7.39 23.53
N ASN D 97 -28.02 -8.56 23.01
CA ASN D 97 -26.91 -9.32 23.58
C ASN D 97 -26.08 -10.04 22.52
N LEU D 98 -24.83 -10.31 22.87
CA LEU D 98 -24.06 -11.34 22.21
C LEU D 98 -24.24 -12.62 23.00
N THR D 99 -24.24 -13.74 22.30
CA THR D 99 -24.27 -15.05 22.95
C THR D 99 -23.01 -15.79 22.58
N VAL D 100 -22.31 -16.26 23.59
CA VAL D 100 -21.06 -16.97 23.47
C VAL D 100 -21.29 -18.43 23.86
N LYS D 101 -20.99 -19.36 22.94
CA LYS D 101 -21.05 -20.77 23.22
C LYS D 101 -19.62 -21.31 23.34
N LEU D 102 -19.37 -22.02 24.44
CA LEU D 102 -18.03 -22.48 24.81
C LEU D 102 -17.87 -23.94 24.43
N PRO D 103 -16.62 -24.42 24.50
CA PRO D 103 -16.29 -25.79 24.07
C PRO D 103 -17.14 -26.90 24.67
N ASP D 104 -17.60 -26.70 25.88
CA ASP D 104 -18.36 -27.74 26.58
C ASP D 104 -19.89 -27.63 26.40
N GLY D 105 -20.34 -26.69 25.58
CA GLY D 105 -21.75 -26.47 25.35
C GLY D 105 -22.35 -25.31 26.13
N TYR D 106 -21.67 -24.86 27.19
CA TYR D 106 -22.19 -23.76 28.01
C TYR D 106 -22.34 -22.51 27.18
N GLU D 107 -23.43 -21.79 27.36
CA GLU D 107 -23.54 -20.53 26.71
C GLU D 107 -23.92 -19.47 27.73
N PHE D 108 -23.43 -18.27 27.45
CA PHE D 108 -23.80 -17.10 28.25
C PHE D 108 -23.98 -15.88 27.35
N LYS D 109 -24.66 -14.87 27.88
CA LYS D 109 -24.90 -13.63 27.19
C LYS D 109 -24.03 -12.52 27.74
N PHE D 110 -23.66 -11.61 26.84
CA PHE D 110 -22.98 -10.39 27.23
C PHE D 110 -23.71 -9.24 26.51
N PRO D 111 -24.08 -8.18 27.26
CA PRO D 111 -24.86 -7.10 26.64
C PRO D 111 -24.18 -6.36 25.49
N ASN D 112 -24.96 -6.03 24.46
CA ASN D 112 -24.53 -5.20 23.33
C ASN D 112 -24.56 -3.71 23.74
N ARG D 113 -23.54 -3.28 24.47
CA ARG D 113 -23.50 -1.96 25.06
C ARG D 113 -23.28 -0.85 24.06
N LEU D 114 -22.59 -1.16 22.96
N LEU D 114 -22.56 -1.10 22.95
CA LEU D 114 -22.29 -0.19 21.91
CA LEU D 114 -22.34 -0.06 21.93
C LEU D 114 -23.45 0.01 20.93
C LEU D 114 -23.48 0.04 20.92
N ASN D 115 -24.48 -0.81 21.08
CA ASN D 115 -25.55 -0.93 20.09
C ASN D 115 -25.01 -1.02 18.65
N LEU D 116 -24.02 -1.88 18.44
CA LEU D 116 -23.50 -2.08 17.11
C LEU D 116 -24.55 -2.73 16.24
N GLU D 117 -24.59 -2.38 14.96
CA GLU D 117 -25.50 -3.07 14.06
C GLU D 117 -24.79 -4.12 13.21
N ALA D 118 -23.47 -4.18 13.35
CA ALA D 118 -22.67 -5.19 12.65
C ALA D 118 -21.34 -5.30 13.39
N ILE D 119 -20.71 -6.44 13.28
CA ILE D 119 -19.42 -6.62 13.85
C ILE D 119 -18.46 -6.67 12.67
N ASN D 120 -17.48 -5.78 12.69
CA ASN D 120 -16.57 -5.69 11.55
C ASN D 120 -15.13 -6.03 11.81
N TYR D 121 -14.78 -6.14 13.08
CA TYR D 121 -13.41 -6.30 13.52
C TYR D 121 -13.33 -7.47 14.48
N MET D 122 -12.30 -8.26 14.29
CA MET D 122 -11.92 -9.32 15.18
C MET D 122 -10.41 -9.38 15.34
N ALA D 123 -9.93 -9.66 16.56
CA ALA D 123 -8.51 -9.81 16.76
C ALA D 123 -8.27 -10.81 17.89
N ALA D 124 -7.26 -11.63 17.72
CA ALA D 124 -6.70 -12.53 18.72
C ALA D 124 -5.40 -11.99 19.28
N ASP D 125 -5.13 -12.26 20.58
CA ASP D 125 -3.78 -12.01 21.06
C ASP D 125 -2.76 -13.14 20.71
N GLY D 126 -1.53 -12.91 21.15
CA GLY D 126 -0.43 -13.80 20.81
C GLY D 126 -0.49 -15.13 21.55
N ASP D 127 -1.48 -15.29 22.43
CA ASP D 127 -1.65 -16.56 23.18
C ASP D 127 -2.74 -17.44 22.59
N PHE D 128 -3.40 -16.96 21.54
CA PHE D 128 -4.43 -17.70 20.86
C PHE D 128 -4.14 -17.68 19.39
N LYS D 129 -3.65 -18.80 18.88
CA LYS D 129 -3.26 -18.95 17.48
C LYS D 129 -4.43 -19.51 16.71
N ILE D 130 -5.09 -18.65 15.94
CA ILE D 130 -6.28 -19.03 15.21
C ILE D 130 -5.92 -20.00 14.10
N LYS D 131 -6.66 -21.11 14.08
CA LYS D 131 -6.49 -22.13 13.04
C LYS D 131 -7.61 -22.15 11.99
N VAL D 133 -11.52 -20.00 11.05
N VAL D 133 -11.52 -19.97 11.06
CA VAL D 133 -12.66 -19.14 11.23
CA VAL D 133 -12.70 -19.16 11.33
C VAL D 133 -13.80 -19.47 10.26
C VAL D 133 -13.78 -19.45 10.29
N ALA D 134 -15.02 -19.56 10.74
CA ALA D 134 -16.15 -19.80 9.87
C ALA D 134 -17.27 -18.86 10.17
N PHE D 135 -17.99 -18.50 9.12
CA PHE D 135 -19.11 -17.55 9.20
C PHE D 135 -20.38 -18.30 8.78
N ASP D 136 -21.35 -18.31 9.68
CA ASP D 136 -22.57 -19.13 9.56
C ASP D 136 -23.72 -18.34 10.21
#